data_3U7F
#
_entry.id   3U7F
#
_cell.length_a   42.600
_cell.length_b   62.330
_cell.length_c   67.970
_cell.angle_alpha   90.000
_cell.angle_beta   91.810
_cell.angle_gamma   90.000
#
_symmetry.space_group_name_H-M   'P 1 21 1'
#
loop_
_entity.id
_entity.type
_entity.pdbx_description
1 polymer 'Bifunctional polynucleotide phosphatase/kinase'
2 polymer DNA
3 non-polymer 'MAGNESIUM ION'
4 non-polymer GLYCEROL
5 non-polymer 'PHOSPHATE ION'
6 water water
#
loop_
_entity_poly.entity_id
_entity_poly.type
_entity_poly.pdbx_seq_one_letter_code
_entity_poly.pdbx_strand_id
1 'polypeptide(L)'
;SSLGWESLKKLLVFTASGVKPQGKVAAFALDGTLITTRSGKVFPTSPSDWRILYPEIPKKLQELAAEGYKLVIFTNQ
(MSE)GIGRGKLPAEVFKGKVEAVLEKLGVPFQVLVATHAGLNRKPVSG(MSE)WDHLQEQANEGIPISVEDSVFVGDAA
GRLANWAPGRKKKDFSCADRLFALNVGLPFATPEEFFLKWPAARFELPAFDPRTISSAGPLYLPESSSLLSPNPEVVVAV
GFPGAGKSTFIQEHLVSAGYVHVNRDTLGSWQRCVSSCQAALRQGKRVVIDNTNPDVPSRARYIQCAKDAGVPCRCFNF
(CSO)ATIEQARHNNRFRE(MSE)TDPSHAPVSD(MSE)V(MSE)FSYRKQFEPPTLAEGFLEILEIPFRLQEHLDPALQ
RLYRQFSEG
;
B
2 'polydeoxyribonucleotide' (DT)(DC)(DC)(DT)(DC) X
#
loop_
_chem_comp.id
_chem_comp.type
_chem_comp.name
_chem_comp.formula
DC DNA linking 2'-DEOXYCYTIDINE-5'-MONOPHOSPHATE 'C9 H14 N3 O7 P'
DT DNA linking THYMIDINE-5'-MONOPHOSPHATE 'C10 H15 N2 O8 P'
GOL non-polymer GLYCEROL 'C3 H8 O3'
MG non-polymer 'MAGNESIUM ION' 'Mg 2'
PO4 non-polymer 'PHOSPHATE ION' 'O4 P -3'
#
# COMPACT_ATOMS: atom_id res chain seq x y z
N SER A 1 18.62 -29.41 -17.89
CA SER A 1 18.09 -29.27 -16.54
C SER A 1 17.78 -27.79 -16.28
N SER A 2 16.80 -27.54 -15.42
CA SER A 2 16.40 -26.17 -15.12
C SER A 2 17.33 -25.54 -14.07
N LEU A 3 17.64 -24.26 -14.25
CA LEU A 3 18.37 -23.52 -13.23
C LEU A 3 17.68 -23.70 -11.88
N GLY A 4 16.36 -23.78 -11.91
CA GLY A 4 15.61 -24.15 -10.72
C GLY A 4 15.23 -22.99 -9.81
N TRP A 5 15.06 -23.30 -8.53
CA TRP A 5 14.55 -22.35 -7.54
C TRP A 5 15.64 -21.59 -6.83
N GLU A 6 15.40 -20.30 -6.69
CA GLU A 6 16.22 -19.46 -5.84
C GLU A 6 15.31 -18.90 -4.76
N SER A 7 15.81 -18.87 -3.52
CA SER A 7 15.01 -18.37 -2.40
C SER A 7 15.68 -17.13 -1.85
N LEU A 8 14.96 -16.02 -1.91
CA LEU A 8 15.52 -14.74 -1.48
C LEU A 8 14.70 -14.21 -0.34
N LYS A 9 15.14 -13.08 0.19
CA LYS A 9 14.36 -12.36 1.17
C LYS A 9 13.06 -11.93 0.52
N LYS A 10 11.99 -12.62 0.93
CA LYS A 10 10.61 -12.29 0.61
C LYS A 10 10.34 -12.46 -0.87
N LEU A 11 11.06 -13.38 -1.49
CA LEU A 11 10.86 -13.68 -2.91
C LEU A 11 11.36 -15.06 -3.26
N LEU A 12 10.60 -15.77 -4.10
CA LEU A 12 11.06 -17.03 -4.66
C LEU A 12 11.07 -16.85 -6.17
N VAL A 13 12.06 -17.45 -6.81
CA VAL A 13 12.18 -17.35 -8.25
C VAL A 13 12.47 -18.73 -8.82
N PHE A 14 11.71 -19.11 -9.83
CA PHE A 14 11.98 -20.36 -10.52
C PHE A 14 12.26 -20.08 -11.97
N THR A 15 13.29 -20.72 -12.50
CA THR A 15 13.64 -20.54 -13.89
C THR A 15 13.65 -21.89 -14.56
N ALA A 16 12.68 -22.13 -15.44
CA ALA A 16 12.56 -23.43 -16.07
C ALA A 16 13.65 -23.65 -17.10
N SER A 17 13.86 -24.92 -17.43
CA SER A 17 14.68 -25.26 -18.57
C SER A 17 14.09 -24.59 -19.81
N GLY A 18 14.94 -23.96 -20.61
CA GLY A 18 14.51 -23.37 -21.86
C GLY A 18 14.11 -21.90 -21.77
N VAL A 19 14.10 -21.33 -20.57
CA VAL A 19 13.88 -19.90 -20.42
C VAL A 19 15.04 -19.13 -21.06
N LYS A 20 14.70 -18.15 -21.89
CA LYS A 20 15.71 -17.25 -22.43
C LYS A 20 15.35 -15.81 -22.12
N PRO A 21 16.36 -14.97 -21.80
CA PRO A 21 16.09 -13.54 -21.65
C PRO A 21 15.63 -12.95 -22.99
N GLN A 22 14.73 -11.98 -22.92
CA GLN A 22 14.22 -11.32 -24.11
C GLN A 22 13.96 -9.85 -23.84
N GLY A 23 13.79 -9.10 -24.92
CA GLY A 23 13.49 -7.68 -24.87
C GLY A 23 12.02 -7.35 -24.67
N LYS A 24 11.18 -8.37 -24.58
CA LYS A 24 9.76 -8.21 -24.31
C LYS A 24 9.23 -9.40 -23.54
N VAL A 25 8.23 -9.14 -22.71
CA VAL A 25 7.74 -10.13 -21.77
C VAL A 25 6.24 -10.26 -21.88
N ALA A 26 5.74 -11.48 -21.81
CA ALA A 26 4.32 -11.71 -21.60
C ALA A 26 4.20 -12.34 -20.22
N ALA A 27 3.60 -11.58 -19.32
CA ALA A 27 3.59 -11.96 -17.91
C ALA A 27 2.17 -12.22 -17.43
N PHE A 28 2.06 -13.10 -16.44
CA PHE A 28 0.77 -13.60 -16.01
C PHE A 28 0.69 -13.75 -14.51
N ALA A 29 -0.47 -13.45 -13.92
CA ALA A 29 -0.74 -13.97 -12.58
C ALA A 29 -0.93 -15.48 -12.67
N LEU A 30 -0.97 -16.17 -11.54
CA LEU A 30 -1.14 -17.62 -11.59
C LEU A 30 -2.56 -18.02 -11.22
N ASP A 31 -2.90 -17.89 -9.94
CA ASP A 31 -4.22 -18.29 -9.47
C ASP A 31 -5.28 -17.38 -10.07
N GLY A 32 -6.22 -17.99 -10.78
CA GLY A 32 -7.35 -17.29 -11.36
C GLY A 32 -7.04 -16.75 -12.75
N THR A 33 -5.81 -17.00 -13.21
CA THR A 33 -5.35 -16.51 -14.50
C THR A 33 -4.90 -17.64 -15.41
N LEU A 34 -3.93 -18.43 -14.95
CA LEU A 34 -3.49 -19.60 -15.68
C LEU A 34 -4.19 -20.86 -15.16
N ILE A 35 -4.54 -20.87 -13.86
CA ILE A 35 -5.20 -22.02 -13.28
C ILE A 35 -6.41 -21.62 -12.43
N THR A 36 -7.26 -22.60 -12.17
CA THR A 36 -8.28 -22.45 -11.15
C THR A 36 -8.42 -23.79 -10.43
N THR A 37 -9.31 -23.89 -9.47
CA THR A 37 -9.49 -25.17 -8.78
C THR A 37 -10.08 -26.23 -9.70
N ARG A 38 -9.58 -27.45 -9.54
CA ARG A 38 -10.18 -28.62 -10.16
C ARG A 38 -11.52 -28.92 -9.45
N SER A 39 -11.55 -28.65 -8.15
CA SER A 39 -12.68 -28.99 -7.31
C SER A 39 -13.92 -28.16 -7.60
N GLY A 40 -13.71 -26.98 -8.16
CA GLY A 40 -14.81 -26.07 -8.42
C GLY A 40 -15.12 -25.24 -7.18
N LYS A 41 -14.34 -25.42 -6.13
CA LYS A 41 -14.45 -24.53 -4.97
C LYS A 41 -13.73 -23.21 -5.24
N VAL A 42 -14.11 -22.18 -4.49
CA VAL A 42 -13.45 -20.89 -4.61
C VAL A 42 -11.98 -20.97 -4.23
N PHE A 43 -11.68 -21.72 -3.18
CA PHE A 43 -10.31 -21.87 -2.71
C PHE A 43 -9.88 -23.32 -2.83
N PRO A 44 -8.61 -23.56 -3.18
CA PRO A 44 -8.14 -24.93 -3.41
C PRO A 44 -8.17 -25.76 -2.14
N THR A 45 -8.47 -27.03 -2.27
CA THR A 45 -8.64 -27.90 -1.10
C THR A 45 -7.37 -28.67 -0.83
N SER A 46 -6.45 -28.66 -1.79
CA SER A 46 -5.17 -29.35 -1.64
C SER A 46 -4.18 -28.75 -2.62
N PRO A 47 -2.90 -29.13 -2.50
CA PRO A 47 -1.88 -28.69 -3.45
C PRO A 47 -2.20 -29.11 -4.87
N SER A 48 -2.89 -30.24 -5.02
CA SER A 48 -3.21 -30.77 -6.33
C SER A 48 -4.57 -30.28 -6.82
N ASP A 49 -5.19 -29.39 -6.06
CA ASP A 49 -6.49 -28.87 -6.48
C ASP A 49 -6.34 -27.74 -7.50
N TRP A 50 -5.96 -28.09 -8.72
CA TRP A 50 -5.87 -27.12 -9.80
C TRP A 50 -6.15 -27.74 -11.15
N ARG A 51 -6.50 -26.89 -12.10
CA ARG A 51 -6.56 -27.26 -13.51
C ARG A 51 -6.23 -26.00 -14.31
N ILE A 52 -5.83 -26.17 -15.56
CA ILE A 52 -5.61 -25.04 -16.44
C ILE A 52 -6.94 -24.35 -16.63
N LEU A 53 -6.95 -23.02 -16.54
CA LEU A 53 -8.22 -22.30 -16.46
C LEU A 53 -9.09 -22.42 -17.71
N TYR A 54 -8.47 -22.24 -18.88
CA TYR A 54 -9.16 -22.34 -20.16
C TYR A 54 -8.29 -23.15 -21.10
N PRO A 55 -8.91 -24.00 -21.93
CA PRO A 55 -8.09 -24.80 -22.84
C PRO A 55 -7.39 -23.95 -23.90
N GLU A 56 -7.85 -22.72 -24.12
CA GLU A 56 -7.20 -21.80 -25.03
C GLU A 56 -5.82 -21.37 -24.56
N ILE A 57 -5.50 -21.62 -23.29
CA ILE A 57 -4.30 -21.05 -22.71
C ILE A 57 -3.00 -21.55 -23.36
N PRO A 58 -2.80 -22.86 -23.40
CA PRO A 58 -1.51 -23.35 -23.93
C PRO A 58 -1.24 -22.89 -25.36
N LYS A 59 -2.27 -22.80 -26.19
CA LYS A 59 -2.07 -22.32 -27.55
C LYS A 59 -1.55 -20.89 -27.59
N LYS A 60 -2.14 -19.99 -26.80
CA LYS A 60 -1.70 -18.61 -26.75
C LYS A 60 -0.25 -18.52 -26.30
N LEU A 61 0.09 -19.32 -25.29
CA LEU A 61 1.44 -19.33 -24.75
C LEU A 61 2.47 -19.80 -25.80
N GLN A 62 2.13 -20.81 -26.59
CA GLN A 62 3.02 -21.29 -27.65
C GLN A 62 3.21 -20.18 -28.70
N GLU A 63 2.13 -19.47 -29.01
CA GLU A 63 2.19 -18.39 -29.98
C GLU A 63 3.10 -17.29 -29.46
N LEU A 64 2.91 -16.94 -28.20
CA LEU A 64 3.76 -15.96 -27.55
C LEU A 64 5.24 -16.35 -27.53
N ALA A 65 5.55 -17.58 -27.13
CA ALA A 65 6.94 -17.99 -27.08
C ALA A 65 7.55 -17.94 -28.49
N ALA A 66 6.79 -18.37 -29.50
CA ALA A 66 7.29 -18.37 -30.87
C ALA A 66 7.53 -16.96 -31.41
N GLU A 67 6.82 -15.97 -30.84
CA GLU A 67 6.99 -14.58 -31.23
C GLU A 67 8.12 -13.89 -30.45
N GLY A 68 8.76 -14.61 -29.53
CA GLY A 68 9.90 -14.06 -28.82
C GLY A 68 9.58 -13.46 -27.47
N TYR A 69 8.37 -13.67 -26.98
CA TYR A 69 8.04 -13.16 -25.65
C TYR A 69 8.63 -14.08 -24.60
N LYS A 70 9.34 -13.52 -23.63
CA LYS A 70 9.71 -14.27 -22.45
C LYS A 70 8.45 -14.48 -21.60
N LEU A 71 8.13 -15.72 -21.30
CA LEU A 71 6.93 -16.04 -20.51
C LEU A 71 7.28 -15.97 -19.02
N VAL A 72 6.53 -15.19 -18.26
CA VAL A 72 6.86 -14.94 -16.86
C VAL A 72 5.57 -15.01 -16.04
N ILE A 73 5.67 -15.47 -14.80
CA ILE A 73 4.58 -15.39 -13.87
C ILE A 73 4.96 -14.49 -12.72
N PHE A 74 4.04 -13.58 -12.36
CA PHE A 74 4.16 -12.79 -11.15
C PHE A 74 2.99 -13.16 -10.25
N THR A 75 3.25 -13.88 -9.16
CA THR A 75 2.17 -14.40 -8.33
C THR A 75 2.34 -13.93 -6.88
N ASN A 76 1.26 -13.39 -6.31
CA ASN A 76 1.23 -13.08 -4.89
C ASN A 76 0.92 -14.36 -4.14
N GLN A 77 1.72 -14.68 -3.14
CA GLN A 77 1.43 -15.83 -2.29
C GLN A 77 1.77 -15.54 -0.84
N MSE A 78 1.08 -14.58 -0.25
CA MSE A 78 1.38 -14.17 1.12
C MSE A 78 1.06 -15.27 2.15
O MSE A 78 1.46 -15.18 3.30
CB MSE A 78 0.62 -12.90 1.47
CG MSE A 78 1.05 -12.22 2.75
SE MSE A 78 0.38 -10.36 2.74
CE MSE A 78 -1.50 -10.78 2.73
H MSE A 78 0.42 -14.15 -0.62
HA MSE A 78 2.34 -13.97 1.18
HB2 MSE A 78 0.74 -12.26 0.74
HB3 MSE A 78 -0.32 -13.11 1.56
HG2 MSE A 78 0.68 -12.68 3.52
HG3 MSE A 78 2.02 -12.19 2.80
HE1 MSE A 78 -2.01 -9.96 2.72
HE2 MSE A 78 -1.71 -11.30 1.95
HE3 MSE A 78 -1.72 -11.29 3.53
N GLY A 79 0.31 -16.29 1.75
CA GLY A 79 0.09 -17.42 2.62
C GLY A 79 1.40 -18.09 2.98
N ILE A 80 2.40 -17.95 2.10
CA ILE A 80 3.71 -18.50 2.41
C ILE A 80 4.39 -17.70 3.53
N GLY A 81 4.37 -16.39 3.43
CA GLY A 81 4.97 -15.53 4.45
C GLY A 81 4.20 -15.65 5.76
N ARG A 82 2.90 -15.93 5.67
CA ARG A 82 2.06 -16.07 6.87
C ARG A 82 2.16 -17.45 7.51
N GLY A 83 2.87 -18.36 6.86
CA GLY A 83 3.10 -19.69 7.38
C GLY A 83 1.96 -20.66 7.13
N LYS A 84 0.99 -20.25 6.33
CA LYS A 84 -0.17 -21.09 6.04
C LYS A 84 0.01 -21.97 4.82
N LEU A 85 0.97 -21.61 3.96
CA LEU A 85 1.26 -22.37 2.76
C LEU A 85 2.76 -22.68 2.74
N PRO A 86 3.14 -23.95 2.90
CA PRO A 86 4.56 -24.27 2.89
C PRO A 86 5.18 -23.96 1.54
N ALA A 87 6.30 -23.24 1.54
CA ALA A 87 7.02 -22.89 0.32
C ALA A 87 7.37 -24.13 -0.49
N GLU A 88 7.89 -25.15 0.18
CA GLU A 88 8.33 -26.36 -0.52
C GLU A 88 7.18 -27.08 -1.24
N VAL A 89 5.98 -26.98 -0.69
CA VAL A 89 4.80 -27.51 -1.36
C VAL A 89 4.35 -26.63 -2.53
N PHE A 90 4.35 -25.31 -2.32
CA PHE A 90 3.94 -24.43 -3.40
C PHE A 90 4.89 -24.61 -4.59
N LYS A 91 6.18 -24.77 -4.31
CA LYS A 91 7.17 -24.93 -5.37
C LYS A 91 6.78 -26.11 -6.24
N GLY A 92 6.31 -27.17 -5.60
CA GLY A 92 5.93 -28.40 -6.30
C GLY A 92 4.71 -28.23 -7.20
N LYS A 93 3.72 -27.49 -6.68
CA LYS A 93 2.51 -27.18 -7.44
C LYS A 93 2.85 -26.36 -8.69
N VAL A 94 3.69 -25.35 -8.54
CA VAL A 94 4.14 -24.55 -9.68
C VAL A 94 4.80 -25.44 -10.73
N GLU A 95 5.73 -26.29 -10.31
CA GLU A 95 6.42 -27.12 -11.30
C GLU A 95 5.44 -28.02 -12.05
N ALA A 96 4.41 -28.50 -11.37
CA ALA A 96 3.43 -29.38 -11.99
C ALA A 96 2.55 -28.60 -12.97
N VAL A 97 2.12 -27.40 -12.57
CA VAL A 97 1.43 -26.51 -13.51
C VAL A 97 2.25 -26.21 -14.76
N LEU A 98 3.53 -25.84 -14.57
CA LEU A 98 4.42 -25.56 -15.69
C LEU A 98 4.57 -26.77 -16.62
N GLU A 99 4.65 -27.96 -16.02
CA GLU A 99 4.71 -29.21 -16.79
C GLU A 99 3.50 -29.29 -17.71
N LYS A 100 2.34 -29.00 -17.14
CA LYS A 100 1.08 -29.18 -17.84
C LYS A 100 0.98 -28.14 -18.94
N LEU A 101 1.40 -26.92 -18.64
CA LEU A 101 1.34 -25.85 -19.63
C LEU A 101 2.28 -26.07 -20.82
N GLY A 102 3.37 -26.79 -20.61
CA GLY A 102 4.17 -27.28 -21.72
C GLY A 102 5.12 -26.28 -22.39
N VAL A 103 5.35 -25.15 -21.72
CA VAL A 103 6.29 -24.14 -22.20
C VAL A 103 7.16 -23.59 -21.08
N PRO A 104 8.38 -23.13 -21.40
CA PRO A 104 9.29 -22.59 -20.37
C PRO A 104 8.85 -21.26 -19.76
N PHE A 105 8.85 -21.18 -18.43
CA PHE A 105 8.39 -20.02 -17.70
C PHE A 105 9.43 -19.67 -16.66
N GLN A 106 9.52 -18.37 -16.37
CA GLN A 106 10.21 -17.91 -15.18
C GLN A 106 9.12 -17.43 -14.23
N VAL A 107 9.21 -17.85 -12.98
CA VAL A 107 8.16 -17.61 -12.00
C VAL A 107 8.71 -16.82 -10.84
N LEU A 108 8.02 -15.76 -10.46
CA LEU A 108 8.45 -14.97 -9.33
C LEU A 108 7.31 -14.94 -8.34
N VAL A 109 7.63 -15.16 -7.06
CA VAL A 109 6.62 -15.42 -6.05
C VAL A 109 6.85 -14.44 -4.91
N ALA A 110 5.85 -13.60 -4.63
CA ALA A 110 5.91 -12.63 -3.54
C ALA A 110 5.31 -13.27 -2.30
N THR A 111 6.18 -13.68 -1.38
CA THR A 111 5.75 -14.47 -0.25
C THR A 111 5.25 -13.64 0.94
N HIS A 112 5.51 -12.34 0.88
CA HIS A 112 5.25 -11.46 2.00
C HIS A 112 4.58 -10.17 1.55
N ALA A 113 4.09 -9.41 2.51
CA ALA A 113 3.70 -8.03 2.24
C ALA A 113 4.95 -7.24 1.85
N GLY A 114 4.75 -6.07 1.23
CA GLY A 114 5.86 -5.18 0.95
C GLY A 114 6.20 -4.95 -0.50
N LEU A 115 7.47 -4.70 -0.76
CA LEU A 115 7.91 -4.21 -2.08
CA LEU A 115 7.92 -4.22 -2.07
C LEU A 115 7.59 -5.17 -3.20
N ASN A 116 7.54 -6.48 -2.91
CA ASN A 116 7.32 -7.44 -3.97
C ASN A 116 5.84 -7.80 -4.19
N ARG A 117 4.98 -7.37 -3.26
CA ARG A 117 3.58 -7.75 -3.32
C ARG A 117 2.80 -6.87 -4.30
N LYS A 118 2.21 -7.50 -5.30
CA LYS A 118 1.45 -6.74 -6.27
C LYS A 118 0.40 -5.96 -5.50
N PRO A 119 0.17 -4.71 -5.87
CA PRO A 119 0.60 -4.01 -7.10
C PRO A 119 1.97 -3.33 -7.09
N VAL A 120 2.69 -3.31 -5.96
CA VAL A 120 3.99 -2.70 -5.97
C VAL A 120 4.88 -3.49 -6.94
N SER A 121 5.82 -2.79 -7.56
CA SER A 121 6.50 -3.29 -8.76
C SER A 121 7.78 -4.08 -8.45
N GLY A 122 7.97 -4.48 -7.20
CA GLY A 122 9.23 -5.11 -6.80
C GLY A 122 9.62 -6.32 -7.65
N MSE A 123 8.65 -7.13 -8.04
CA MSE A 123 8.95 -8.34 -8.80
C MSE A 123 9.35 -7.97 -10.22
O MSE A 123 10.18 -8.64 -10.82
CB MSE A 123 7.76 -9.30 -8.83
CG MSE A 123 7.57 -10.13 -7.50
SE MSE A 123 6.26 -11.53 -7.69
CE MSE A 123 4.69 -10.39 -7.83
H MSE A 123 7.82 -7.01 -7.87
HA MSE A 123 9.70 -8.80 -8.38
HB2 MSE A 123 6.95 -8.78 -8.98
HB3 MSE A 123 7.89 -9.93 -9.55
HG2 MSE A 123 8.41 -10.53 -7.26
HG3 MSE A 123 7.29 -9.53 -6.79
HE1 MSE A 123 3.91 -10.95 -7.94
HE2 MSE A 123 4.61 -9.86 -7.04
HE3 MSE A 123 4.79 -9.83 -8.61
N TRP A 124 8.76 -6.91 -10.76
CA TRP A 124 9.14 -6.46 -12.09
C TRP A 124 10.59 -5.98 -12.07
N ASP A 125 10.92 -5.19 -11.05
CA ASP A 125 12.26 -4.65 -10.92
C ASP A 125 13.25 -5.78 -10.70
N HIS A 126 12.85 -6.84 -10.01
CA HIS A 126 13.76 -7.97 -9.83
C HIS A 126 14.02 -8.69 -11.15
N LEU A 127 12.95 -8.91 -11.90
CA LEU A 127 13.07 -9.52 -13.21
C LEU A 127 14.04 -8.73 -14.09
N GLN A 128 13.80 -7.42 -14.17
CA GLN A 128 14.59 -6.56 -15.07
C GLN A 128 16.05 -6.44 -14.62
N GLU A 129 16.23 -6.20 -13.33
CA GLU A 129 17.55 -5.89 -12.81
C GLU A 129 18.38 -7.14 -12.47
N GLN A 130 17.72 -8.24 -12.12
CA GLN A 130 18.45 -9.41 -11.63
C GLN A 130 18.26 -10.68 -12.46
N ALA A 131 17.16 -10.78 -13.22
CA ALA A 131 16.76 -12.07 -13.75
C ALA A 131 16.51 -12.09 -15.25
N ASN A 132 17.12 -11.17 -15.98
CA ASN A 132 16.97 -11.15 -17.42
C ASN A 132 18.31 -10.91 -18.10
N GLU A 133 19.40 -11.31 -17.43
CA GLU A 133 20.74 -11.23 -18.00
C GLU A 133 21.09 -9.85 -18.55
N GLY A 134 20.64 -8.80 -17.88
CA GLY A 134 20.96 -7.44 -18.29
C GLY A 134 20.28 -6.94 -19.56
N ILE A 135 19.38 -7.72 -20.14
CA ILE A 135 18.64 -7.27 -21.33
C ILE A 135 17.47 -6.32 -20.97
N PRO A 136 17.53 -5.07 -21.49
CA PRO A 136 16.45 -4.15 -21.19
C PRO A 136 15.14 -4.66 -21.78
N ILE A 137 14.07 -4.56 -20.99
CA ILE A 137 12.77 -5.00 -21.44
C ILE A 137 11.88 -3.82 -21.86
N SER A 138 11.36 -3.88 -23.08
CA SER A 138 10.43 -2.85 -23.56
C SER A 138 9.07 -3.08 -22.91
N VAL A 139 8.69 -2.19 -22.02
CA VAL A 139 7.41 -2.31 -21.34
C VAL A 139 6.23 -2.13 -22.30
N GLU A 140 6.39 -1.22 -23.25
CA GLU A 140 5.35 -0.92 -24.25
C GLU A 140 5.04 -2.12 -25.15
N ASP A 141 6.02 -3.00 -25.32
CA ASP A 141 5.86 -4.17 -26.16
C ASP A 141 5.53 -5.45 -25.39
N SER A 142 5.43 -5.33 -24.06
CA SER A 142 5.13 -6.44 -23.19
C SER A 142 3.64 -6.42 -22.82
N VAL A 143 3.24 -7.32 -21.96
CA VAL A 143 1.86 -7.36 -21.49
C VAL A 143 1.83 -8.06 -20.16
N PHE A 144 0.93 -7.60 -19.30
CA PHE A 144 0.59 -8.33 -18.07
C PHE A 144 -0.88 -8.73 -18.10
N VAL A 145 -1.12 -9.97 -17.74
CA VAL A 145 -2.45 -10.56 -17.74
C VAL A 145 -2.81 -11.06 -16.37
N GLY A 146 -3.94 -10.61 -15.84
CA GLY A 146 -4.34 -11.05 -14.52
C GLY A 146 -5.82 -10.86 -14.21
N ASP A 147 -6.28 -11.57 -13.18
CA ASP A 147 -7.68 -11.58 -12.79
C ASP A 147 -8.02 -10.63 -11.65
N ALA A 148 -7.02 -10.20 -10.87
CA ALA A 148 -7.27 -9.18 -9.85
C ALA A 148 -7.39 -7.83 -10.56
N ALA A 149 -8.51 -7.61 -11.23
CA ALA A 149 -8.61 -6.53 -12.21
C ALA A 149 -9.64 -5.45 -11.86
N GLY A 150 -10.15 -5.46 -10.64
CA GLY A 150 -11.08 -4.45 -10.21
C GLY A 150 -12.41 -4.45 -10.98
N ARG A 151 -12.80 -5.60 -11.50
CA ARG A 151 -14.00 -5.68 -12.34
C ARG A 151 -15.27 -5.60 -11.47
N LEU A 152 -16.30 -4.95 -12.01
CA LEU A 152 -17.61 -4.95 -11.41
C LEU A 152 -18.23 -6.35 -11.48
N ALA A 153 -19.18 -6.61 -10.60
CA ALA A 153 -19.91 -7.86 -10.58
C ALA A 153 -20.57 -8.18 -11.92
N ASN A 154 -20.60 -9.47 -12.26
CA ASN A 154 -21.40 -10.00 -13.37
C ASN A 154 -20.83 -9.79 -14.78
N TRP A 155 -19.52 -9.58 -14.89
CA TRP A 155 -18.88 -9.50 -16.20
C TRP A 155 -19.06 -10.83 -16.96
N ALA A 156 -19.41 -11.87 -16.22
CA ALA A 156 -19.78 -13.13 -16.84
C ALA A 156 -20.74 -13.89 -15.93
N PRO A 157 -21.55 -14.80 -16.51
CA PRO A 157 -22.45 -15.67 -15.75
C PRO A 157 -21.73 -16.41 -14.62
N GLY A 158 -22.16 -16.17 -13.38
CA GLY A 158 -21.57 -16.85 -12.24
C GLY A 158 -20.52 -16.01 -11.54
N ARG A 159 -20.44 -14.74 -11.89
CA ARG A 159 -19.50 -13.82 -11.28
C ARG A 159 -20.29 -12.74 -10.54
N LYS A 160 -21.13 -13.15 -9.60
CA LYS A 160 -21.95 -12.20 -8.87
C LYS A 160 -21.08 -11.33 -7.98
N LYS A 161 -19.81 -11.71 -7.82
CA LYS A 161 -18.89 -10.89 -7.04
C LYS A 161 -17.93 -10.10 -7.92
N LYS A 162 -17.76 -8.83 -7.56
CA LYS A 162 -16.71 -8.01 -8.14
C LYS A 162 -15.38 -8.70 -7.84
N ASP A 163 -14.33 -8.37 -8.59
CA ASP A 163 -13.01 -8.92 -8.30
C ASP A 163 -12.61 -8.65 -6.85
N PHE A 164 -11.91 -9.62 -6.25
CA PHE A 164 -11.46 -9.51 -4.86
C PHE A 164 -10.45 -8.36 -4.70
N SER A 165 -9.86 -7.94 -5.82
CA SER A 165 -8.74 -7.03 -5.80
C SER A 165 -8.51 -6.40 -7.17
N CYS A 166 -7.83 -5.26 -7.18
CA CYS A 166 -7.35 -4.63 -8.42
C CYS A 166 -5.82 -4.72 -8.57
N ALA A 167 -5.17 -5.63 -7.83
CA ALA A 167 -3.72 -5.68 -7.71
C ALA A 167 -3.01 -5.92 -9.04
N ASP A 168 -3.60 -6.74 -9.90
CA ASP A 168 -2.98 -7.08 -11.17
C ASP A 168 -3.05 -5.90 -12.14
N ARG A 169 -4.22 -5.28 -12.25
CA ARG A 169 -4.35 -4.09 -13.08
C ARG A 169 -3.46 -2.96 -12.58
N LEU A 170 -3.40 -2.76 -11.27
CA LEU A 170 -2.53 -1.73 -10.69
C LEU A 170 -1.01 -2.02 -10.83
N PHE A 171 -0.63 -3.29 -10.80
CA PHE A 171 0.76 -3.66 -11.04
C PHE A 171 1.14 -3.18 -12.42
N ALA A 172 0.28 -3.46 -13.41
CA ALA A 172 0.55 -3.08 -14.78
C ALA A 172 0.63 -1.56 -14.90
N LEU A 173 -0.29 -0.88 -14.22
CA LEU A 173 -0.29 0.58 -14.21
C LEU A 173 1.01 1.13 -13.61
N ASN A 174 1.46 0.58 -12.49
CA ASN A 174 2.70 1.04 -11.86
C ASN A 174 3.94 0.90 -12.78
N VAL A 175 4.01 -0.21 -13.50
CA VAL A 175 5.18 -0.53 -14.35
C VAL A 175 5.06 0.19 -15.69
N GLY A 176 3.82 0.37 -16.13
CA GLY A 176 3.53 0.92 -17.44
C GLY A 176 3.26 -0.14 -18.48
N LEU A 177 2.87 -1.33 -18.02
CA LEU A 177 2.58 -2.45 -18.89
C LEU A 177 1.16 -2.39 -19.43
N PRO A 178 0.99 -2.68 -20.72
CA PRO A 178 -0.35 -2.99 -21.21
C PRO A 178 -0.95 -4.16 -20.43
N PHE A 179 -2.25 -4.04 -20.17
CA PHE A 179 -2.94 -4.97 -19.29
C PHE A 179 -4.15 -5.61 -19.93
N ALA A 180 -4.39 -6.88 -19.60
CA ALA A 180 -5.62 -7.54 -20.01
C ALA A 180 -6.01 -8.56 -18.97
N THR A 181 -7.31 -8.83 -18.88
CA THR A 181 -7.82 -9.91 -18.04
C THR A 181 -7.64 -11.23 -18.79
N PRO A 182 -7.77 -12.38 -18.10
CA PRO A 182 -7.57 -13.66 -18.78
C PRO A 182 -8.57 -13.85 -19.91
N GLU A 183 -9.79 -13.38 -19.70
CA GLU A 183 -10.84 -13.61 -20.71
C GLU A 183 -10.66 -12.68 -21.91
N GLU A 184 -10.31 -11.42 -21.65
CA GLU A 184 -9.93 -10.50 -22.72
C GLU A 184 -8.78 -11.10 -23.53
N PHE A 185 -7.81 -11.66 -22.84
CA PHE A 185 -6.56 -12.01 -23.49
C PHE A 185 -6.63 -13.35 -24.20
N PHE A 186 -7.04 -14.38 -23.47
CA PHE A 186 -7.07 -15.71 -24.04
C PHE A 186 -8.30 -15.96 -24.90
N LEU A 187 -9.42 -15.32 -24.55
CA LEU A 187 -10.71 -15.65 -25.14
C LEU A 187 -11.23 -14.57 -26.07
N LYS A 188 -10.59 -13.41 -26.06
CA LYS A 188 -11.00 -12.29 -26.90
C LYS A 188 -12.38 -11.75 -26.53
N TRP A 189 -12.72 -11.86 -25.25
CA TRP A 189 -13.95 -11.25 -24.77
C TRP A 189 -13.78 -9.74 -24.76
N PRO A 190 -14.88 -9.02 -24.90
CA PRO A 190 -14.86 -7.56 -24.80
C PRO A 190 -14.34 -7.12 -23.42
N ALA A 191 -13.79 -5.90 -23.34
CA ALA A 191 -13.32 -5.34 -22.08
C ALA A 191 -14.41 -5.31 -21.02
N ALA A 192 -14.08 -5.83 -19.85
CA ALA A 192 -14.99 -5.81 -18.70
C ALA A 192 -14.89 -4.46 -18.01
N ARG A 193 -16.04 -3.98 -17.51
CA ARG A 193 -16.07 -2.79 -16.69
C ARG A 193 -15.31 -3.00 -15.40
N PHE A 194 -14.58 -1.97 -15.02
CA PHE A 194 -13.74 -2.01 -13.81
C PHE A 194 -13.68 -0.65 -13.11
N GLU A 195 -13.20 -0.67 -11.88
CA GLU A 195 -12.94 0.56 -11.16
C GLU A 195 -11.53 0.57 -10.61
N LEU A 196 -10.97 1.76 -10.53
CA LEU A 196 -9.67 2.00 -9.90
C LEU A 196 -9.88 2.63 -8.52
N PRO A 197 -8.90 2.48 -7.62
CA PRO A 197 -9.01 3.14 -6.32
C PRO A 197 -9.27 4.64 -6.46
N ALA A 198 -10.01 5.19 -5.52
CA ALA A 198 -10.29 6.63 -5.50
C ALA A 198 -9.05 7.49 -5.31
N PHE A 199 -8.12 7.05 -4.45
CA PHE A 199 -6.87 7.78 -4.25
C PHE A 199 -5.84 7.28 -5.23
N ASP A 200 -5.34 8.19 -6.06
CA ASP A 200 -4.32 7.88 -7.05
C ASP A 200 -3.01 8.52 -6.58
N PRO A 201 -2.07 7.69 -6.11
CA PRO A 201 -0.83 8.26 -5.55
C PRO A 201 0.03 8.99 -6.60
N ARG A 202 -0.25 8.84 -7.88
CA ARG A 202 0.51 9.58 -8.88
C ARG A 202 0.18 11.07 -8.79
N THR A 203 -0.92 11.40 -8.09
CA THR A 203 -1.38 12.79 -8.00
C THR A 203 -0.80 13.50 -6.79
N ILE A 204 0.02 12.79 -6.03
CA ILE A 204 0.60 13.35 -4.81
C ILE A 204 1.71 14.33 -5.17
N SER A 205 1.62 15.54 -4.63
CA SER A 205 2.57 16.60 -4.99
C SER A 205 3.36 17.07 -3.78
N SER A 206 4.51 17.65 -4.05
CA SER A 206 5.27 18.37 -3.04
C SER A 206 4.83 19.83 -3.01
N ALA A 207 3.97 20.19 -3.96
CA ALA A 207 3.60 21.59 -4.20
C ALA A 207 2.92 22.25 -2.99
N GLY A 208 2.14 23.30 -3.27
CA GLY A 208 1.25 23.90 -2.29
C GLY A 208 1.88 24.30 -0.96
N PRO A 209 1.14 25.10 -0.18
CA PRO A 209 1.56 25.59 1.13
C PRO A 209 1.58 24.50 2.20
N LEU A 210 2.45 24.70 3.19
CA LEU A 210 2.67 23.72 4.25
C LEU A 210 1.44 23.61 5.16
N TYR A 211 0.71 24.71 5.29
CA TYR A 211 -0.47 24.78 6.11
C TYR A 211 -1.34 25.92 5.58
N LEU A 212 -2.59 25.93 6.00
CA LEU A 212 -3.51 27.01 5.68
C LEU A 212 -4.25 27.44 6.93
N PRO A 213 -4.55 28.74 7.04
CA PRO A 213 -4.17 29.80 6.11
C PRO A 213 -2.70 30.17 6.18
N GLU A 214 -2.13 30.59 5.05
CA GLU A 214 -0.70 30.88 4.98
C GLU A 214 -0.33 32.11 5.82
N SER A 215 -1.29 33.01 6.01
CA SER A 215 -1.06 34.21 6.81
C SER A 215 -0.80 33.87 8.29
N SER A 216 -1.10 32.63 8.69
CA SER A 216 -0.87 32.22 10.08
C SER A 216 0.56 31.75 10.32
N SER A 217 0.89 31.54 11.58
CA SER A 217 2.22 31.11 11.98
C SER A 217 2.09 29.78 12.69
N LEU A 218 3.03 28.88 12.44
CA LEU A 218 3.00 27.58 13.06
C LEU A 218 3.30 27.72 14.54
N LEU A 219 4.07 28.74 14.88
CA LEU A 219 4.53 28.92 16.24
C LEU A 219 3.86 30.12 16.90
N SER A 220 3.82 30.07 18.22
CA SER A 220 3.43 31.20 19.03
C SER A 220 4.60 31.53 19.95
N PRO A 221 4.89 32.81 20.16
CA PRO A 221 5.95 33.22 21.09
C PRO A 221 5.59 33.00 22.57
N ASN A 222 4.30 32.79 22.83
CA ASN A 222 3.82 32.63 24.19
C ASN A 222 3.25 31.24 24.46
N PRO A 223 3.09 30.87 25.74
CA PRO A 223 2.51 29.57 26.07
C PRO A 223 1.20 29.38 25.32
N GLU A 224 0.98 28.16 24.87
CA GLU A 224 -0.24 27.78 24.16
C GLU A 224 -0.30 26.26 24.13
N VAL A 225 -1.47 25.72 23.78
CA VAL A 225 -1.63 24.30 23.57
C VAL A 225 -2.09 24.07 22.13
N VAL A 226 -1.30 23.33 21.36
CA VAL A 226 -1.68 22.90 20.03
C VAL A 226 -2.15 21.46 20.07
N VAL A 227 -3.31 21.21 19.52
CA VAL A 227 -3.90 19.87 19.51
C VAL A 227 -3.84 19.36 18.08
N ALA A 228 -3.07 18.32 17.84
CA ALA A 228 -3.02 17.72 16.52
C ALA A 228 -4.24 16.81 16.33
N VAL A 229 -4.79 16.77 15.11
CA VAL A 229 -5.91 15.90 14.79
C VAL A 229 -5.66 15.30 13.40
N GLY A 230 -5.88 14.01 13.27
CA GLY A 230 -5.66 13.34 11.98
C GLY A 230 -5.41 11.86 12.18
N PHE A 231 -5.75 11.09 11.15
CA PHE A 231 -5.55 9.65 11.14
C PHE A 231 -4.16 9.29 11.59
N PRO A 232 -4.03 8.14 12.24
CA PRO A 232 -2.70 7.58 12.50
C PRO A 232 -2.04 7.23 11.15
N GLY A 233 -0.72 7.35 11.06
CA GLY A 233 -0.05 7.14 9.79
C GLY A 233 -0.14 8.33 8.85
N ALA A 234 -0.85 9.38 9.25
CA ALA A 234 -0.96 10.59 8.42
C ALA A 234 0.39 11.34 8.34
N GLY A 235 1.31 11.03 9.23
CA GLY A 235 2.57 11.73 9.32
C GLY A 235 2.52 12.90 10.29
N LYS A 236 1.56 12.89 11.21
CA LYS A 236 1.46 13.92 12.24
C LYS A 236 2.73 14.02 13.07
N SER A 237 3.21 12.88 13.57
CA SER A 237 4.34 12.92 14.50
C SER A 237 5.59 13.47 13.84
N THR A 238 5.82 13.08 12.58
CA THR A 238 6.96 13.60 11.85
C THR A 238 6.84 15.10 11.66
N PHE A 239 5.66 15.57 11.26
CA PHE A 239 5.44 17.00 11.11
C PHE A 239 5.66 17.73 12.43
N ILE A 240 5.12 17.17 13.49
CA ILE A 240 5.16 17.79 14.80
C ILE A 240 6.59 17.84 15.31
N GLN A 241 7.34 16.75 15.12
CA GLN A 241 8.77 16.76 15.45
C GLN A 241 9.54 17.85 14.70
N GLU A 242 9.42 17.83 13.38
CA GLU A 242 10.15 18.74 12.52
C GLU A 242 9.87 20.20 12.82
N HIS A 243 8.62 20.55 13.05
CA HIS A 243 8.25 21.95 13.12
C HIS A 243 7.99 22.50 14.53
N LEU A 244 7.57 21.66 15.46
CA LEU A 244 7.20 22.15 16.79
C LEU A 244 8.19 21.72 17.87
N VAL A 245 8.44 20.42 17.96
CA VAL A 245 9.34 19.91 19.00
C VAL A 245 10.74 20.45 18.77
N SER A 246 11.12 20.63 17.51
CA SER A 246 12.42 21.20 17.19
C SER A 246 12.49 22.64 17.66
N ALA A 247 11.32 23.29 17.76
CA ALA A 247 11.23 24.66 18.24
C ALA A 247 11.02 24.73 19.74
N GLY A 248 11.05 23.60 20.43
CA GLY A 248 10.97 23.60 21.86
C GLY A 248 9.60 23.33 22.46
N TYR A 249 8.59 23.03 21.62
CA TYR A 249 7.30 22.59 22.14
C TYR A 249 7.43 21.29 22.92
N VAL A 250 6.75 21.23 24.06
CA VAL A 250 6.70 20.00 24.84
C VAL A 250 5.77 19.02 24.15
N HIS A 251 6.31 17.84 23.88
CA HIS A 251 5.58 16.77 23.20
C HIS A 251 4.75 15.98 24.20
N VAL A 252 3.44 15.97 24.01
CA VAL A 252 2.54 15.22 24.86
C VAL A 252 1.83 14.13 24.08
N ASN A 253 2.00 12.89 24.56
CA ASN A 253 1.38 11.72 23.96
C ASN A 253 0.52 11.03 25.00
N ARG A 254 -0.79 11.24 24.93
CA ARG A 254 -1.70 10.68 25.93
C ARG A 254 -1.47 9.18 26.12
N ASP A 255 -1.19 8.48 25.03
CA ASP A 255 -1.07 7.02 25.06
C ASP A 255 -0.07 6.59 26.13
N THR A 256 1.04 7.32 26.21
CA THR A 256 2.19 6.90 27.04
C THR A 256 2.18 7.48 28.43
N LEU A 257 1.25 8.40 28.73
CA LEU A 257 1.21 9.03 30.05
C LEU A 257 0.35 8.31 31.11
N GLY A 258 -0.51 7.38 30.69
CA GLY A 258 -1.24 6.59 31.66
C GLY A 258 -2.68 7.03 31.90
N SER A 259 -2.85 8.11 32.66
CA SER A 259 -4.18 8.68 32.94
C SER A 259 -4.40 10.00 32.20
N TRP A 260 -5.57 10.61 32.43
CA TRP A 260 -5.80 11.97 31.98
C TRP A 260 -5.31 12.90 33.08
N GLN A 261 -5.58 12.53 34.33
CA GLN A 261 -5.10 13.28 35.47
C GLN A 261 -3.62 13.63 35.29
N ARG A 262 -2.87 12.76 34.60
CA ARG A 262 -1.43 12.93 34.47
C ARG A 262 -1.09 13.68 33.18
N CYS A 263 -1.88 13.45 32.14
CA CYS A 263 -1.70 14.12 30.87
C CYS A 263 -2.01 15.61 31.02
N VAL A 264 -3.08 15.91 31.73
CA VAL A 264 -3.48 17.30 31.93
C VAL A 264 -2.54 17.95 32.94
N SER A 265 -2.00 17.15 33.86
CA SER A 265 -1.03 17.66 34.84
C SER A 265 0.26 18.03 34.13
N SER A 266 0.68 17.17 33.21
CA SER A 266 1.89 17.43 32.45
C SER A 266 1.74 18.73 31.67
N CYS A 267 0.60 18.87 31.02
CA CYS A 267 0.33 20.05 30.21
CA CYS A 267 0.29 20.04 30.21
C CYS A 267 0.34 21.30 31.06
N GLN A 268 -0.34 21.24 32.20
CA GLN A 268 -0.42 22.39 33.08
C GLN A 268 0.95 22.78 33.60
N ALA A 269 1.79 21.79 33.90
CA ALA A 269 3.14 22.07 34.41
C ALA A 269 4.02 22.73 33.34
N ALA A 270 3.94 22.22 32.12
CA ALA A 270 4.68 22.84 31.03
C ALA A 270 4.24 24.29 30.85
N LEU A 271 2.94 24.53 30.86
CA LEU A 271 2.44 25.90 30.66
C LEU A 271 2.92 26.88 31.75
N ARG A 272 2.86 26.46 33.01
CA ARG A 272 3.34 27.32 34.11
C ARG A 272 4.81 27.68 33.93
N GLN A 273 5.53 26.82 33.22
CA GLN A 273 6.95 26.96 33.04
C GLN A 273 7.28 27.87 31.88
N GLY A 274 6.24 28.42 31.26
CA GLY A 274 6.41 29.32 30.15
C GLY A 274 6.56 28.61 28.83
N LYS A 275 6.30 27.30 28.82
CA LYS A 275 6.46 26.53 27.60
C LYS A 275 5.18 26.43 26.75
N ARG A 276 5.38 26.03 25.48
CA ARG A 276 4.28 25.73 24.58
C ARG A 276 4.15 24.20 24.51
N VAL A 277 2.94 23.72 24.31
CA VAL A 277 2.69 22.28 24.38
C VAL A 277 2.04 21.81 23.09
N VAL A 278 2.44 20.64 22.62
CA VAL A 278 1.73 20.01 21.50
C VAL A 278 1.21 18.63 21.90
N ILE A 279 -0.08 18.38 21.64
CA ILE A 279 -0.69 17.08 21.88
C ILE A 279 -0.66 16.26 20.61
N ASP A 280 0.23 15.27 20.57
CA ASP A 280 0.47 14.46 19.39
C ASP A 280 -0.27 13.14 19.53
N ASN A 281 -1.57 13.21 19.23
CA ASN A 281 -2.42 12.05 19.21
C ASN A 281 -3.40 12.22 18.09
N THR A 282 -4.26 11.23 17.89
CA THR A 282 -5.25 11.28 16.84
C THR A 282 -6.38 12.26 17.17
N ASN A 283 -6.81 12.25 18.44
CA ASN A 283 -7.82 13.19 18.93
C ASN A 283 -9.03 13.34 18.00
N PRO A 284 -9.71 12.22 17.71
CA PRO A 284 -10.67 12.24 16.60
C PRO A 284 -11.96 13.00 16.89
N ASP A 285 -12.31 13.15 18.15
CA ASP A 285 -13.62 13.69 18.49
C ASP A 285 -13.60 14.80 19.51
N VAL A 286 -14.77 15.41 19.68
CA VAL A 286 -14.93 16.53 20.59
C VAL A 286 -14.51 16.20 22.02
N PRO A 287 -15.00 15.08 22.59
CA PRO A 287 -14.58 14.85 23.97
C PRO A 287 -13.07 14.65 24.14
N SER A 288 -12.42 13.99 23.17
CA SER A 288 -10.98 13.80 23.23
C SER A 288 -10.30 15.16 23.30
N ARG A 289 -10.78 16.08 22.47
CA ARG A 289 -10.12 17.38 22.35
C ARG A 289 -10.51 18.34 23.49
N ALA A 290 -11.69 18.16 24.06
CA ALA A 290 -12.21 19.09 25.08
C ALA A 290 -11.35 19.14 26.34
N ARG A 291 -10.68 18.05 26.68
CA ARG A 291 -9.79 18.00 27.83
C ARG A 291 -8.62 18.97 27.70
N TYR A 292 -8.09 19.09 26.49
CA TYR A 292 -6.95 19.96 26.25
C TYR A 292 -7.40 21.41 26.10
N ILE A 293 -8.53 21.63 25.45
CA ILE A 293 -9.12 22.96 25.39
C ILE A 293 -9.37 23.48 26.82
N GLN A 294 -9.96 22.64 27.66
CA GLN A 294 -10.25 23.03 29.04
C GLN A 294 -8.95 23.31 29.81
N CYS A 295 -7.94 22.49 29.59
CA CYS A 295 -6.64 22.72 30.19
C CYS A 295 -6.09 24.09 29.79
N ALA A 296 -6.13 24.38 28.51
CA ALA A 296 -5.69 25.67 28.00
C ALA A 296 -6.51 26.80 28.63
N LYS A 297 -7.82 26.62 28.70
CA LYS A 297 -8.70 27.68 29.19
C LYS A 297 -8.41 27.98 30.67
N ASP A 298 -8.11 26.92 31.41
CA ASP A 298 -7.80 27.04 32.82
C ASP A 298 -6.49 27.79 33.03
N ALA A 299 -5.54 27.57 32.12
CA ALA A 299 -4.24 28.21 32.21
C ALA A 299 -4.30 29.59 31.58
N GLY A 300 -5.39 29.88 30.89
CA GLY A 300 -5.54 31.18 30.26
C GLY A 300 -4.66 31.35 29.03
N VAL A 301 -4.29 30.24 28.41
CA VAL A 301 -3.52 30.28 27.16
C VAL A 301 -4.38 29.86 25.97
N PRO A 302 -4.01 30.30 24.76
CA PRO A 302 -4.78 29.89 23.59
C PRO A 302 -4.67 28.40 23.33
N CYS A 303 -5.69 27.84 22.73
CA CYS A 303 -5.63 26.49 22.19
C CYS A 303 -5.88 26.57 20.69
N ARG A 304 -5.01 25.93 19.91
CA ARG A 304 -5.18 25.91 18.46
C ARG A 304 -5.16 24.48 18.01
N CYS A 305 -5.82 24.20 16.90
CA CYS A 305 -5.85 22.86 16.38
C CYS A 305 -5.11 22.81 15.05
N PHE A 306 -4.25 21.82 14.92
CA PHE A 306 -3.58 21.53 13.64
C PHE A 306 -4.30 20.32 13.07
N ASN A 307 -5.07 20.55 12.02
CA ASN A 307 -5.94 19.54 11.45
C ASN A 307 -5.33 18.96 10.21
N PHE A 308 -4.83 17.72 10.31
CA PHE A 308 -4.11 17.09 9.22
C PHE A 308 -5.12 16.50 8.22
N CSO A 309 -4.99 16.89 6.95
CA CSO A 309 -6.03 16.60 5.96
CB CSO A 309 -5.90 17.58 4.79
SG CSO A 309 -6.22 19.21 5.41
C CSO A 309 -6.07 15.21 5.41
O CSO A 309 -7.02 14.87 4.69
OD CSO A 309 -7.61 19.19 6.52
H CSO A 309 -4.32 17.32 6.64
HA CSO A 309 -6.90 16.78 6.39
HB2 CSO A 309 -6.55 17.36 4.11
HB3 CSO A 309 -5.00 17.54 4.43
HD CSO A 309 -7.78 20.08 6.85
N ALA A 310 -5.06 14.40 5.70
CA ALA A 310 -4.98 13.07 5.13
C ALA A 310 -6.29 12.30 5.26
N THR A 311 -6.72 11.70 4.15
CA THR A 311 -7.88 10.82 4.16
C THR A 311 -7.43 9.46 4.60
N ILE A 312 -8.39 8.58 4.88
CA ILE A 312 -8.07 7.24 5.31
C ILE A 312 -7.21 6.51 4.27
N GLU A 313 -7.53 6.70 3.01
CA GLU A 313 -6.77 6.06 1.93
C GLU A 313 -5.32 6.59 1.86
N GLN A 314 -5.16 7.90 2.01
CA GLN A 314 -3.84 8.50 2.02
C GLN A 314 -3.05 8.03 3.24
N ALA A 315 -3.73 7.94 4.38
CA ALA A 315 -3.06 7.46 5.58
C ALA A 315 -2.56 6.03 5.46
N ARG A 316 -3.42 5.15 4.95
CA ARG A 316 -3.07 3.76 4.79
C ARG A 316 -1.94 3.61 3.78
N HIS A 317 -1.99 4.41 2.72
CA HIS A 317 -0.92 4.46 1.74
C HIS A 317 0.42 4.86 2.38
N ASN A 318 0.37 5.90 3.19
CA ASN A 318 1.55 6.38 3.84
C ASN A 318 2.10 5.30 4.77
N ASN A 319 1.19 4.62 5.46
CA ASN A 319 1.57 3.56 6.38
C ASN A 319 2.29 2.42 5.65
N ARG A 320 1.75 1.98 4.52
CA ARG A 320 2.41 0.94 3.74
C ARG A 320 3.78 1.42 3.23
N PHE A 321 3.87 2.68 2.83
CA PHE A 321 5.14 3.23 2.31
C PHE A 321 6.19 3.20 3.40
N ARG A 322 5.80 3.61 4.59
CA ARG A 322 6.76 3.63 5.70
C ARG A 322 7.17 2.21 6.13
N GLU A 323 6.24 1.26 6.04
CA GLU A 323 6.56 -0.12 6.38
C GLU A 323 7.62 -0.64 5.45
N MSE A 324 7.53 -0.25 4.20
CA MSE A 324 8.49 -0.71 3.20
C MSE A 324 9.84 0.00 3.24
O MSE A 324 10.85 -0.53 2.76
CB MSE A 324 7.90 -0.55 1.80
CG MSE A 324 6.74 -1.46 1.53
SE MSE A 324 6.17 -1.31 -0.35
CE MSE A 324 5.20 0.39 -0.34
H MSE A 324 6.94 0.30 3.88
HA MSE A 324 8.64 -1.67 3.34
HB2 MSE A 324 7.59 0.36 1.69
HB3 MSE A 324 8.59 -0.75 1.14
HG2 MSE A 324 6.99 -2.37 1.70
HG3 MSE A 324 6.00 -1.20 2.09
HE1 MSE A 324 4.87 0.58 -1.21
HE2 MSE A 324 4.47 0.34 0.28
HE3 MSE A 324 5.80 1.10 -0.06
N THR A 325 9.89 1.20 3.81
CA THR A 325 11.09 2.03 3.67
C THR A 325 11.79 2.44 4.99
N ASP A 326 11.06 2.48 6.10
CA ASP A 326 11.57 3.07 7.33
C ASP A 326 11.65 2.00 8.42
N PRO A 327 12.86 1.61 8.84
CA PRO A 327 13.00 0.51 9.79
C PRO A 327 12.50 0.85 11.20
N SER A 328 12.24 2.12 11.47
CA SER A 328 11.71 2.54 12.77
C SER A 328 10.20 2.68 12.81
N HIS A 329 9.55 2.44 11.68
CA HIS A 329 8.12 2.65 11.61
C HIS A 329 7.30 1.62 12.38
N ALA A 330 6.39 2.09 13.24
CA ALA A 330 5.41 1.22 13.87
C ALA A 330 4.27 1.08 12.89
N PRO A 331 4.03 -0.15 12.42
CA PRO A 331 2.96 -0.39 11.44
C PRO A 331 1.62 -0.08 12.07
N VAL A 332 0.77 0.68 11.38
CA VAL A 332 -0.57 0.95 11.90
C VAL A 332 -1.57 -0.11 11.44
N SER A 333 -2.29 -0.70 12.37
CA SER A 333 -3.29 -1.73 12.01
C SER A 333 -4.50 -1.10 11.35
N ASP A 334 -5.13 -1.83 10.44
CA ASP A 334 -6.38 -1.34 9.84
C ASP A 334 -7.45 -1.16 10.93
N MSE A 335 -7.32 -1.90 12.02
CA MSE A 335 -8.23 -1.78 13.15
CA MSE A 335 -8.24 -1.77 13.14
C MSE A 335 -8.27 -0.34 13.65
O MSE A 335 -9.34 0.25 13.83
CB MSE A 335 -7.79 -2.70 14.26
CB MSE A 335 -7.80 -2.69 14.28
CG MSE A 335 -7.96 -4.17 13.93
CG MSE A 335 -7.85 -4.15 13.94
SE MSE A 335 -9.84 -4.61 13.73
SE MSE A 335 -9.17 -5.07 15.05
CE MSE A 335 -10.45 -3.91 15.44
CE MSE A 335 -8.00 -5.43 16.56
H MSE A 335 -6.70 -2.50 12.13
H MSE A 335 -6.70 -2.50 12.13
HA MSE A 335 -9.13 -2.05 12.86
HA MSE A 335 -9.14 -2.05 12.86
HB2 MSE A 335 -6.85 -2.55 14.45
HB2 MSE A 335 -6.88 -2.47 14.51
HB3 MSE A 335 -8.32 -2.52 15.06
HB3 MSE A 335 -8.37 -2.53 15.05
HG2 MSE A 335 -7.51 -4.35 13.09
HG2 MSE A 335 -8.11 -4.26 13.01
HG3 MSE A 335 -7.59 -4.71 14.64
HG3 MSE A 335 -6.99 -4.56 14.09
HE1 MSE A 335 -11.39 -4.06 15.51
HE1 MSE A 335 -8.49 -5.91 17.24
HE2 MSE A 335 -9.98 -4.38 16.14
HE2 MSE A 335 -7.26 -5.97 16.26
HE3 MSE A 335 -10.25 -2.97 15.47
HE3 MSE A 335 -7.67 -4.61 16.91
N VAL A 336 -7.10 0.22 13.92
CA VAL A 336 -7.04 1.56 14.45
C VAL A 336 -7.47 2.57 13.41
N MSE A 337 -7.13 2.34 12.13
CA MSE A 337 -7.56 3.26 11.07
C MSE A 337 -9.06 3.38 11.02
O MSE A 337 -9.60 4.48 10.99
CB MSE A 337 -7.09 2.76 9.70
CG MSE A 337 -5.62 2.84 9.50
SE MSE A 337 -4.95 4.69 9.43
CE MSE A 337 -3.11 4.14 9.03
H MSE A 337 -6.66 1.68 11.86
HA MSE A 337 -7.17 4.13 11.23
HB2 MSE A 337 -7.36 1.84 9.58
HB3 MSE A 337 -7.51 3.31 9.02
HG2 MSE A 337 -5.18 2.39 10.24
HG3 MSE A 337 -5.39 2.40 8.66
HE1 MSE A 337 -2.56 4.92 8.94
HE2 MSE A 337 -2.78 3.58 9.74
HE3 MSE A 337 -3.11 3.64 8.21
N PHE A 338 -9.76 2.25 10.94
CA PHE A 338 -11.20 2.32 10.76
C PHE A 338 -11.88 2.76 12.04
N SER A 339 -11.30 2.40 13.19
CA SER A 339 -11.77 2.91 14.47
C SER A 339 -11.76 4.44 14.52
N TYR A 340 -10.64 5.04 14.12
CA TYR A 340 -10.52 6.50 14.08
C TYR A 340 -11.59 7.08 13.20
N ARG A 341 -11.74 6.53 12.00
CA ARG A 341 -12.74 7.06 11.08
C ARG A 341 -14.14 7.06 11.68
N LYS A 342 -14.49 5.99 12.39
CA LYS A 342 -15.79 5.89 13.06
C LYS A 342 -15.97 7.05 14.03
N GLN A 343 -14.92 7.37 14.77
CA GLN A 343 -15.02 8.35 15.86
C GLN A 343 -14.84 9.79 15.38
N PHE A 344 -14.28 9.98 14.20
CA PHE A 344 -13.88 11.32 13.77
C PHE A 344 -15.00 12.35 13.68
N GLU A 345 -14.79 13.47 14.35
CA GLU A 345 -15.62 14.67 14.19
C GLU A 345 -14.67 15.80 13.85
N PRO A 346 -14.94 16.54 12.76
CA PRO A 346 -13.93 17.54 12.43
C PRO A 346 -13.85 18.61 13.51
N PRO A 347 -12.65 19.18 13.71
CA PRO A 347 -12.52 20.29 14.66
C PRO A 347 -13.21 21.57 14.17
N THR A 348 -13.85 22.30 15.09
CA THR A 348 -14.46 23.58 14.77
C THR A 348 -14.12 24.59 15.84
N LEU A 349 -14.28 25.87 15.49
CA LEU A 349 -14.00 26.95 16.43
C LEU A 349 -14.94 26.89 17.63
N ALA A 350 -16.13 26.35 17.44
CA ALA A 350 -17.12 26.24 18.50
C ALA A 350 -16.61 25.43 19.70
N GLU A 351 -15.72 24.47 19.46
CA GLU A 351 -15.17 23.69 20.56
C GLU A 351 -14.31 24.54 21.49
N GLY A 352 -13.81 25.67 21.00
CA GLY A 352 -13.02 26.58 21.82
C GLY A 352 -11.62 26.88 21.30
N PHE A 353 -11.31 26.49 20.07
CA PHE A 353 -10.00 26.76 19.50
C PHE A 353 -9.93 28.22 19.06
N LEU A 354 -8.78 28.85 19.26
CA LEU A 354 -8.53 30.20 18.77
C LEU A 354 -8.53 30.18 17.25
N GLU A 355 -7.79 29.23 16.68
CA GLU A 355 -7.75 29.06 15.25
C GLU A 355 -7.48 27.59 14.92
N ILE A 356 -7.86 27.20 13.71
CA ILE A 356 -7.59 25.86 13.18
C ILE A 356 -6.75 26.01 11.92
N LEU A 357 -5.59 25.36 11.90
CA LEU A 357 -4.78 25.32 10.69
C LEU A 357 -4.97 23.99 10.02
N GLU A 358 -5.21 24.01 8.71
CA GLU A 358 -5.25 22.80 7.90
C GLU A 358 -3.85 22.46 7.43
N ILE A 359 -3.48 21.19 7.52
CA ILE A 359 -2.18 20.73 7.07
C ILE A 359 -2.39 19.77 5.90
N PRO A 360 -2.14 20.24 4.68
CA PRO A 360 -2.39 19.41 3.51
C PRO A 360 -1.53 18.16 3.50
N PHE A 361 -2.07 17.08 2.93
CA PHE A 361 -1.34 15.84 2.76
C PHE A 361 -0.46 16.03 1.54
N ARG A 362 0.85 15.96 1.77
CA ARG A 362 1.84 16.30 0.74
C ARG A 362 3.02 15.35 0.79
N LEU A 363 3.64 15.14 -0.36
CA LEU A 363 4.84 14.36 -0.45
C LEU A 363 5.94 15.06 0.36
N GLN A 364 6.59 14.32 1.26
CA GLN A 364 7.60 14.90 2.15
C GLN A 364 8.65 15.70 1.40
N LEU A 367 12.51 13.21 0.42
CA LEU A 367 12.71 11.80 0.10
C LEU A 367 13.64 11.64 -1.10
N ASP A 368 14.55 10.68 -1.02
CA ASP A 368 15.36 10.35 -2.17
CA ASP A 368 15.34 10.27 -2.17
C ASP A 368 14.48 10.17 -3.41
N PRO A 369 15.02 10.49 -4.59
CA PRO A 369 14.29 10.32 -5.85
C PRO A 369 13.66 8.94 -6.03
N ALA A 370 14.39 7.87 -5.68
CA ALA A 370 13.87 6.51 -5.82
C ALA A 370 12.67 6.31 -4.90
N LEU A 371 12.76 6.86 -3.70
CA LEU A 371 11.67 6.73 -2.74
C LEU A 371 10.47 7.51 -3.24
N GLN A 372 10.69 8.62 -3.95
CA GLN A 372 9.58 9.36 -4.54
C GLN A 372 8.87 8.54 -5.61
N ARG A 373 9.64 7.82 -6.40
CA ARG A 373 9.05 6.95 -7.42
C ARG A 373 8.20 5.85 -6.77
N LEU A 374 8.73 5.29 -5.69
CA LEU A 374 8.02 4.27 -4.93
C LEU A 374 6.75 4.84 -4.28
N TYR A 375 6.82 6.08 -3.82
CA TYR A 375 5.66 6.65 -3.15
C TYR A 375 4.46 6.81 -4.08
N ARG A 376 4.75 7.05 -5.37
CA ARG A 376 3.71 7.26 -6.38
C ARG A 376 3.11 5.96 -6.92
N GLN A 377 3.61 4.83 -6.43
CA GLN A 377 3.01 3.54 -6.80
C GLN A 377 1.77 3.22 -5.97
N PHE A 378 0.71 2.75 -6.62
CA PHE A 378 -0.39 2.07 -5.94
C PHE A 378 0.22 0.92 -5.17
N SER A 379 -0.10 0.78 -3.89
CA SER A 379 0.53 -0.26 -3.08
C SER A 379 -0.47 -1.27 -2.48
N GLU A 380 -1.74 -1.15 -2.82
CA GLU A 380 -2.73 -2.15 -2.40
C GLU A 380 -3.81 -2.34 -3.46
N GLY A 381 -4.13 -3.59 -3.75
CA GLY A 381 -5.17 -3.90 -4.72
C GLY A 381 -6.56 -3.78 -4.13
MG MG C . -5.22 -13.86 -9.51
C1 GOL D . -2.89 3.21 -2.92
O1 GOL D . -1.63 2.68 -2.56
C2 GOL D . -3.90 2.06 -3.12
O2 GOL D . -3.45 1.22 -4.16
C3 GOL D . -5.27 2.62 -3.47
O3 GOL D . -5.64 3.64 -2.56
H11 GOL D . -2.80 3.78 -3.83
H12 GOL D . -3.26 3.87 -2.13
HO1 GOL D . -0.98 3.41 -2.48
H2 GOL D . -3.96 1.50 -2.20
HO2 GOL D . -4.10 0.49 -4.28
H31 GOL D . -6.00 1.81 -3.44
H32 GOL D . -5.26 3.03 -4.49
HO3 GOL D . -6.19 4.30 -3.02
C1 GOL E . 11.38 -18.75 -22.97
O1 GOL E . 12.00 -17.76 -22.20
C2 GOL E . 10.63 -18.14 -24.13
O2 GOL E . 9.39 -17.60 -23.71
C3 GOL E . 11.46 -17.02 -24.75
O3 GOL E . 11.79 -17.42 -26.06
H11 GOL E . 10.68 -19.32 -22.34
H12 GOL E . 12.13 -19.45 -23.34
HO1 GOL E . 12.43 -18.16 -21.41
H2 GOL E . 10.47 -18.90 -24.88
HO2 GOL E . 9.53 -16.89 -23.05
H31 GOL E . 12.37 -16.87 -24.16
H32 GOL E . 10.90 -16.09 -24.77
HO3 GOL E . 11.57 -16.71 -26.68
C1 GOL F . -7.11 -2.89 -19.93
O1 GOL F . -6.10 -2.84 -20.92
C2 GOL F . -8.18 -3.86 -20.37
O2 GOL F . -8.52 -4.72 -19.29
C3 GOL F . -9.43 -3.09 -20.84
O3 GOL F . -10.17 -2.64 -19.74
H11 GOL F . -7.53 -1.90 -19.78
H12 GOL F . -6.68 -3.22 -18.99
HO1 GOL F . -5.43 -2.18 -20.68
H2 GOL F . -7.81 -4.45 -21.20
HO2 GOL F . -8.88 -4.19 -18.56
H31 GOL F . -10.04 -3.74 -21.46
H32 GOL F . -9.11 -2.24 -21.44
HO3 GOL F . -10.80 -1.94 -20.03
C1 GOL G . -0.28 -8.77 -27.32
O1 GOL G . 0.56 -8.48 -26.21
C2 GOL G . -0.44 -10.29 -27.44
O2 GOL G . -1.72 -10.61 -27.95
C3 GOL G . 0.65 -10.86 -28.33
O3 GOL G . 0.11 -11.54 -29.43
H11 GOL G . 0.15 -8.38 -28.23
H12 GOL G . -1.26 -8.31 -27.17
HO1 GOL G . 0.72 -7.51 -26.17
H2 GOL G . -0.33 -10.72 -26.44
HO2 GOL G . -1.81 -10.24 -28.85
H31 GOL G . 1.28 -11.54 -27.75
H32 GOL G . 1.28 -10.04 -28.68
HO3 GOL G . -0.86 -11.65 -29.32
P PO4 H . 1.10 9.64 12.59
O1 PO4 H . 0.03 10.61 12.13
O2 PO4 H . 1.98 9.27 11.42
O3 PO4 H . 1.93 10.29 13.67
O4 PO4 H . 0.44 8.40 13.14
P PO4 I . -1.96 -14.74 -7.93
O1 PO4 I . -3.28 -14.43 -8.77
O3 PO4 I . -1.33 -13.49 -7.55
O4 PO4 I . -1.14 -15.69 -8.72
#